data_7MY8
#
_entry.id   7MY8
#
_entity_poly.entity_id   1
_entity_poly.type   'polypeptide(L)'
_entity_poly.pdbx_seq_one_letter_code
;SFIEDLLFNKVTLADAGFIKQYGDCLGDVAARDLICAQKFNG
;
_entity_poly.pdbx_strand_id   A
#
# COMPACT_ATOMS: atom_id res chain seq x y z
N SER A 1 12.91 6.06 -5.30
CA SER A 1 12.60 6.94 -4.15
C SER A 1 12.63 6.38 -2.72
N PHE A 2 12.73 7.19 -1.67
CA PHE A 2 12.77 6.67 -0.25
C PHE A 2 11.56 5.86 0.07
N ILE A 3 10.41 6.27 -0.38
CA ILE A 3 9.17 5.72 0.03
C ILE A 3 8.95 4.29 -0.46
N GLU A 4 9.60 3.86 -1.54
CA GLU A 4 9.36 2.62 -2.16
C GLU A 4 9.73 1.38 -1.27
N ASP A 5 10.78 1.52 -0.46
CA ASP A 5 11.13 0.52 0.43
C ASP A 5 10.20 0.31 1.60
N LEU A 6 9.70 1.42 2.18
CA LEU A 6 8.74 1.36 3.22
C LEU A 6 7.43 0.78 2.88
N LEU A 7 7.00 1.07 1.63
CA LEU A 7 5.88 0.39 0.95
C LEU A 7 6.10 -1.16 0.80
N PHE A 8 7.21 -1.58 0.19
CA PHE A 8 7.56 -2.98 0.16
C PHE A 8 7.57 -3.73 1.46
N ASN A 9 8.13 -3.12 2.54
CA ASN A 9 8.22 -3.66 3.89
C ASN A 9 6.84 -3.84 4.56
N LYS A 10 5.80 -3.11 4.08
CA LYS A 10 4.47 -3.35 4.57
C LYS A 10 3.79 -4.55 3.90
N VAL A 11 3.90 -4.68 2.57
CA VAL A 11 3.19 -5.67 1.81
C VAL A 11 4.02 -6.95 1.69
N THR A 12 5.06 -7.10 2.52
CA THR A 12 6.08 -8.15 2.34
C THR A 12 5.59 -9.64 2.27
N LEU A 13 4.54 -9.94 3.01
CA LEU A 13 3.85 -11.23 2.95
C LEU A 13 2.39 -11.03 2.60
N ALA A 14 1.85 -9.79 2.40
CA ALA A 14 0.48 -9.40 2.12
C ALA A 14 0.27 -9.12 0.66
N ASP A 15 1.31 -8.77 -0.11
CA ASP A 15 1.24 -8.53 -1.55
C ASP A 15 0.40 -7.38 -2.04
N ALA A 16 1.04 -6.46 -2.71
CA ALA A 16 0.51 -5.23 -3.25
C ALA A 16 -0.51 -5.42 -4.39
N GLY A 17 -0.38 -6.52 -5.22
CA GLY A 17 -1.31 -6.82 -6.22
C GLY A 17 -2.64 -7.30 -5.69
N PHE A 18 -2.63 -8.01 -4.53
CA PHE A 18 -3.86 -8.31 -3.77
C PHE A 18 -4.43 -7.07 -3.16
N ILE A 19 -3.57 -6.21 -2.47
CA ILE A 19 -4.08 -5.02 -1.79
C ILE A 19 -4.76 -4.04 -2.72
N LYS A 20 -4.41 -3.98 -4.02
CA LYS A 20 -4.98 -3.17 -5.05
C LYS A 20 -6.46 -3.37 -5.28
N GLN A 21 -6.89 -4.67 -5.24
CA GLN A 21 -8.25 -5.11 -5.31
C GLN A 21 -8.84 -4.96 -3.88
N TYR A 22 -8.14 -5.32 -2.78
CA TYR A 22 -8.85 -5.57 -1.53
C TYR A 22 -8.90 -4.40 -0.66
N GLY A 23 -8.21 -3.30 -1.12
CA GLY A 23 -8.23 -2.03 -0.41
C GLY A 23 -8.92 -0.94 -1.28
N ASP A 24 -10.10 -0.48 -0.84
CA ASP A 24 -11.01 0.47 -1.60
C ASP A 24 -10.65 1.93 -1.28
N CYS A 25 -9.76 2.09 -0.31
CA CYS A 25 -9.24 3.31 0.15
C CYS A 25 -10.07 4.24 0.94
N LEU A 26 -10.73 3.65 1.95
CA LEU A 26 -11.50 4.22 3.01
C LEU A 26 -10.62 4.97 3.97
N GLY A 27 -9.49 4.41 4.30
CA GLY A 27 -8.52 5.12 5.17
C GLY A 27 -8.71 4.88 6.66
N ASP A 28 -9.73 4.07 7.08
CA ASP A 28 -9.77 3.57 8.47
C ASP A 28 -8.55 2.56 8.69
N VAL A 29 -8.41 1.53 7.77
CA VAL A 29 -7.15 0.80 7.77
C VAL A 29 -6.03 1.68 7.05
N ALA A 30 -5.48 2.69 7.84
CA ALA A 30 -4.45 3.62 7.47
C ALA A 30 -3.23 2.94 7.05
N ALA A 31 -2.96 1.74 7.61
CA ALA A 31 -1.75 0.93 7.19
C ALA A 31 -1.75 0.43 5.73
N ARG A 32 -2.94 0.12 5.28
CA ARG A 32 -3.22 -0.58 4.01
C ARG A 32 -3.60 0.39 3.01
N ASP A 33 -3.63 1.71 3.33
CA ASP A 33 -3.99 2.79 2.44
C ASP A 33 -2.73 3.26 1.71
N LEU A 34 -1.65 2.55 1.87
CA LEU A 34 -0.40 2.86 1.22
C LEU A 34 -0.42 2.76 -0.34
N ILE A 35 -1.38 1.98 -0.87
CA ILE A 35 -1.62 1.99 -2.31
C ILE A 35 -2.34 3.24 -2.81
N CYS A 36 -2.83 4.13 -1.93
CA CYS A 36 -3.53 5.32 -2.37
C CYS A 36 -2.84 6.60 -1.77
N ALA A 37 -2.31 6.50 -0.52
CA ALA A 37 -1.42 7.46 0.04
C ALA A 37 -0.19 7.83 -0.89
N GLN A 38 0.49 6.82 -1.52
CA GLN A 38 1.59 7.09 -2.45
C GLN A 38 1.17 6.77 -3.88
N LYS A 39 -0.18 6.72 -4.05
CA LYS A 39 -0.84 6.36 -5.28
C LYS A 39 -0.33 5.16 -6.10
N PHE A 40 -0.06 3.99 -5.48
CA PHE A 40 0.54 2.80 -6.05
C PHE A 40 1.91 3.01 -6.62
N ASN A 41 2.71 3.68 -5.82
CA ASN A 41 4.09 4.11 -6.13
C ASN A 41 4.34 4.81 -7.46
N GLY A 42 3.41 5.62 -7.91
CA GLY A 42 3.60 6.35 -9.21
C GLY A 42 2.61 7.53 -9.38
N SER A 1 13.61 7.49 -4.42
CA SER A 1 12.35 6.68 -3.99
C SER A 1 12.37 6.17 -2.57
N PHE A 2 12.46 6.91 -1.44
CA PHE A 2 12.49 6.38 -0.11
C PHE A 2 11.26 5.62 0.32
N ILE A 3 10.12 6.03 -0.19
CA ILE A 3 8.83 5.49 0.09
C ILE A 3 8.73 4.03 -0.40
N GLU A 4 9.55 3.64 -1.40
CA GLU A 4 9.41 2.35 -2.11
C GLU A 4 9.79 1.23 -1.14
N ASP A 5 10.86 1.39 -0.36
CA ASP A 5 11.22 0.50 0.69
C ASP A 5 10.20 0.38 1.78
N LEU A 6 9.51 1.47 2.15
CA LEU A 6 8.45 1.54 3.14
C LEU A 6 7.24 0.75 2.68
N LEU A 7 6.88 1.06 1.44
CA LEU A 7 5.80 0.38 0.68
C LEU A 7 5.98 -1.21 0.63
N PHE A 8 7.22 -1.68 0.24
CA PHE A 8 7.62 -3.06 0.15
C PHE A 8 7.63 -3.70 1.51
N ASN A 9 7.84 -2.88 2.60
CA ASN A 9 7.80 -3.37 3.95
C ASN A 9 6.33 -3.67 4.39
N LYS A 10 5.26 -3.01 3.95
CA LYS A 10 3.90 -3.45 4.36
C LYS A 10 3.53 -4.63 3.46
N VAL A 11 3.80 -4.57 2.15
CA VAL A 11 3.40 -5.62 1.26
C VAL A 11 4.36 -6.75 1.05
N THR A 12 5.31 -6.98 2.02
CA THR A 12 6.37 -7.95 1.99
C THR A 12 5.79 -9.37 1.96
N LEU A 13 4.70 -9.66 2.72
CA LEU A 13 3.96 -10.98 2.61
C LEU A 13 2.55 -10.84 2.12
N ALA A 14 1.97 -9.65 2.36
CA ALA A 14 0.63 -9.26 1.97
C ALA A 14 0.39 -9.33 0.44
N ASP A 15 1.41 -8.87 -0.37
CA ASP A 15 1.31 -8.70 -1.79
C ASP A 15 0.53 -7.54 -2.28
N ALA A 16 1.19 -6.58 -2.88
CA ALA A 16 0.63 -5.32 -3.44
C ALA A 16 -0.43 -5.58 -4.46
N GLY A 17 -0.38 -6.68 -5.26
CA GLY A 17 -1.46 -7.04 -6.24
C GLY A 17 -2.73 -7.55 -5.59
N PHE A 18 -2.60 -8.34 -4.53
CA PHE A 18 -3.78 -8.56 -3.70
C PHE A 18 -4.42 -7.37 -3.02
N ILE A 19 -3.65 -6.48 -2.43
CA ILE A 19 -4.00 -5.28 -1.76
C ILE A 19 -4.72 -4.25 -2.60
N LYS A 20 -4.58 -4.29 -3.92
CA LYS A 20 -5.43 -3.53 -4.87
C LYS A 20 -6.90 -3.93 -4.87
N GLN A 21 -7.24 -5.12 -4.58
CA GLN A 21 -8.63 -5.58 -4.44
C GLN A 21 -9.06 -5.75 -2.98
N TYR A 22 -8.10 -5.69 -2.05
CA TYR A 22 -8.42 -5.80 -0.63
C TYR A 22 -8.14 -4.52 0.15
N GLY A 23 -8.02 -3.41 -0.64
CA GLY A 23 -7.96 -2.04 -0.11
C GLY A 23 -8.14 -1.02 -1.22
N ASP A 24 -9.43 -0.66 -1.52
CA ASP A 24 -9.92 0.46 -2.35
C ASP A 24 -9.92 1.77 -1.60
N CYS A 25 -8.95 1.91 -0.63
CA CYS A 25 -8.60 3.19 0.06
C CYS A 25 -9.70 3.71 0.96
N LEU A 26 -10.14 2.87 1.88
CA LEU A 26 -11.35 3.18 2.71
C LEU A 26 -11.16 4.34 3.63
N GLY A 27 -9.96 4.36 4.34
CA GLY A 27 -9.55 5.62 5.05
C GLY A 27 -9.01 5.30 6.45
N ASP A 28 -9.91 4.67 7.17
CA ASP A 28 -9.69 4.19 8.55
C ASP A 28 -8.58 3.12 8.66
N VAL A 29 -8.52 2.15 7.75
CA VAL A 29 -7.41 1.27 7.62
C VAL A 29 -6.21 1.95 6.99
N ALA A 30 -5.47 2.78 7.74
CA ALA A 30 -4.46 3.65 7.26
C ALA A 30 -3.17 2.92 6.98
N ALA A 31 -2.92 1.82 7.66
CA ALA A 31 -1.78 0.97 7.36
C ALA A 31 -1.95 0.26 6.02
N ARG A 32 -3.23 0.18 5.49
CA ARG A 32 -3.43 -0.50 4.19
C ARG A 32 -3.80 0.50 3.05
N ASP A 33 -3.70 1.78 3.36
CA ASP A 33 -3.91 2.90 2.53
C ASP A 33 -2.58 3.25 1.85
N LEU A 34 -1.49 2.51 2.01
CA LEU A 34 -0.23 2.76 1.28
C LEU A 34 -0.20 3.13 -0.18
N ILE A 35 -1.00 2.39 -0.92
CA ILE A 35 -1.28 2.39 -2.32
C ILE A 35 -1.95 3.67 -2.76
N CYS A 36 -2.80 4.36 -1.99
CA CYS A 36 -3.36 5.68 -2.35
C CYS A 36 -2.56 6.79 -1.58
N ALA A 37 -2.09 6.53 -0.30
CA ALA A 37 -1.39 7.57 0.49
C ALA A 37 -0.12 8.01 -0.21
N GLN A 38 0.67 7.11 -0.82
CA GLN A 38 1.93 7.50 -1.40
C GLN A 38 1.81 7.21 -2.89
N LYS A 39 0.55 7.03 -3.37
CA LYS A 39 0.24 6.91 -4.76
C LYS A 39 0.92 5.71 -5.43
N PHE A 40 1.02 4.55 -4.66
CA PHE A 40 1.87 3.36 -4.96
C PHE A 40 3.27 3.71 -5.49
N ASN A 41 3.91 4.78 -5.10
CA ASN A 41 5.14 5.32 -5.67
C ASN A 41 5.04 5.65 -7.13
N GLY A 42 3.94 6.39 -7.51
CA GLY A 42 3.69 6.79 -8.85
C GLY A 42 4.11 8.29 -9.15
N SER A 1 13.34 7.60 -3.93
CA SER A 1 12.04 7.61 -3.19
C SER A 1 11.99 6.78 -1.92
N PHE A 2 11.86 7.48 -0.71
CA PHE A 2 11.84 6.88 0.61
C PHE A 2 10.47 6.29 0.89
N ILE A 3 9.37 6.70 0.15
CA ILE A 3 8.07 6.08 0.29
C ILE A 3 8.10 4.65 -0.30
N GLU A 4 8.99 4.41 -1.30
CA GLU A 4 9.11 3.03 -1.93
C GLU A 4 9.61 2.01 -1.00
N ASP A 5 10.46 2.44 0.03
CA ASP A 5 10.94 1.62 1.09
C ASP A 5 9.87 1.23 2.19
N LEU A 6 8.99 2.17 2.40
CA LEU A 6 7.71 1.92 3.06
C LEU A 6 6.79 0.89 2.41
N LEU A 7 6.62 0.97 1.10
CA LEU A 7 5.84 -0.01 0.39
C LEU A 7 6.44 -1.37 0.40
N PHE A 8 7.75 -1.53 0.02
CA PHE A 8 8.46 -2.79 -0.22
C PHE A 8 8.55 -3.74 0.93
N ASN A 9 8.78 -3.14 2.15
CA ASN A 9 8.91 -3.87 3.38
C ASN A 9 7.46 -4.36 3.92
N LYS A 10 6.34 -3.61 3.61
CA LYS A 10 5.00 -3.86 4.12
C LYS A 10 4.31 -4.88 3.29
N VAL A 11 4.44 -4.80 2.03
CA VAL A 11 3.60 -5.71 1.10
C VAL A 11 4.26 -7.02 0.84
N THR A 12 5.32 -7.42 1.62
CA THR A 12 6.10 -8.65 1.31
C THR A 12 5.31 -9.95 1.51
N LEU A 13 4.58 -10.23 2.67
CA LEU A 13 3.91 -11.51 2.92
C LEU A 13 2.40 -11.46 2.63
N ALA A 14 1.80 -10.25 2.70
CA ALA A 14 0.46 -9.90 2.15
C ALA A 14 0.29 -9.80 0.59
N ASP A 15 1.36 -9.31 -0.09
CA ASP A 15 1.37 -9.04 -1.47
C ASP A 15 0.78 -7.78 -1.88
N ALA A 16 1.35 -7.04 -2.84
CA ALA A 16 0.74 -5.78 -3.29
C ALA A 16 -0.63 -5.93 -4.01
N GLY A 17 -0.79 -6.99 -4.78
CA GLY A 17 -1.94 -7.27 -5.55
C GLY A 17 -3.17 -7.52 -4.81
N PHE A 18 -3.09 -7.99 -3.55
CA PHE A 18 -4.28 -8.17 -2.77
C PHE A 18 -4.69 -6.90 -2.12
N ILE A 19 -3.71 -6.18 -1.49
CA ILE A 19 -3.92 -4.87 -0.94
C ILE A 19 -4.35 -3.78 -2.02
N LYS A 20 -3.81 -3.80 -3.25
CA LYS A 20 -4.37 -3.09 -4.43
C LYS A 20 -5.89 -3.44 -4.78
N GLN A 21 -6.23 -4.74 -4.75
CA GLN A 21 -7.61 -5.22 -4.93
C GLN A 21 -8.57 -4.77 -3.86
N TYR A 22 -8.11 -4.71 -2.54
CA TYR A 22 -9.04 -4.44 -1.35
C TYR A 22 -8.89 -2.94 -0.91
N GLY A 23 -7.78 -2.26 -1.16
CA GLY A 23 -7.43 -0.99 -0.47
C GLY A 23 -7.61 0.20 -1.37
N ASP A 24 -8.86 0.33 -1.85
CA ASP A 24 -9.13 1.18 -2.92
C ASP A 24 -9.57 2.53 -2.39
N CYS A 25 -8.74 2.99 -1.48
CA CYS A 25 -8.90 4.13 -0.66
C CYS A 25 -9.90 3.73 0.50
N LEU A 26 -9.40 3.52 1.73
CA LEU A 26 -10.20 2.98 2.84
C LEU A 26 -9.90 3.78 4.07
N GLY A 27 -9.09 4.85 3.94
CA GLY A 27 -9.09 5.87 4.94
C GLY A 27 -8.35 5.54 6.27
N ASP A 28 -9.11 5.34 7.41
CA ASP A 28 -8.60 5.10 8.72
C ASP A 28 -7.74 3.87 8.89
N VAL A 29 -8.09 2.72 8.27
CA VAL A 29 -7.20 1.61 8.14
C VAL A 29 -5.97 1.72 7.31
N ALA A 30 -4.95 2.42 7.79
CA ALA A 30 -3.88 3.06 7.09
C ALA A 30 -2.83 2.22 6.50
N ALA A 31 -2.72 0.91 6.81
CA ALA A 31 -1.95 -0.05 6.04
C ALA A 31 -2.64 -0.56 4.78
N ARG A 32 -3.96 -0.64 4.78
CA ARG A 32 -4.66 -0.96 3.54
C ARG A 32 -4.94 0.27 2.69
N ASP A 33 -4.85 1.51 3.26
CA ASP A 33 -4.95 2.71 2.57
C ASP A 33 -3.58 3.12 1.96
N LEU A 34 -2.53 2.26 2.23
CA LEU A 34 -1.17 2.62 1.82
C LEU A 34 -0.88 2.79 0.32
N ILE A 35 -1.43 1.91 -0.50
CA ILE A 35 -1.37 2.09 -1.90
C ILE A 35 -2.28 3.23 -2.42
N CYS A 36 -3.23 3.85 -1.64
CA CYS A 36 -3.98 5.04 -2.00
C CYS A 36 -3.20 6.24 -1.52
N ALA A 37 -2.65 6.28 -0.27
CA ALA A 37 -1.96 7.46 0.27
C ALA A 37 -0.58 7.77 -0.40
N GLN A 38 0.11 6.66 -0.77
CA GLN A 38 1.42 6.69 -1.34
C GLN A 38 1.42 6.22 -2.84
N LYS A 39 0.18 6.04 -3.41
CA LYS A 39 -0.13 5.78 -4.80
C LYS A 39 0.64 4.62 -5.47
N PHE A 40 1.16 3.65 -4.73
CA PHE A 40 2.15 2.67 -5.20
C PHE A 40 3.41 3.26 -5.86
N ASN A 41 3.75 4.49 -5.55
CA ASN A 41 4.76 5.41 -6.10
C ASN A 41 4.43 5.98 -7.49
N GLY A 42 3.13 6.29 -7.71
CA GLY A 42 2.62 6.73 -8.97
C GLY A 42 1.74 5.73 -9.80
N SER A 1 12.95 6.81 -4.20
CA SER A 1 12.03 7.19 -3.06
C SER A 1 11.93 6.35 -1.82
N PHE A 2 11.79 7.03 -0.71
CA PHE A 2 11.87 6.35 0.59
C PHE A 2 10.46 5.92 0.87
N ILE A 3 9.43 6.51 0.19
CA ILE A 3 8.11 5.84 0.05
C ILE A 3 8.12 4.44 -0.55
N GLU A 4 8.98 4.19 -1.50
CA GLU A 4 9.08 2.91 -2.13
C GLU A 4 9.72 1.79 -1.17
N ASP A 5 10.58 2.23 -0.26
CA ASP A 5 11.17 1.33 0.81
C ASP A 5 10.04 0.90 1.68
N LEU A 6 9.15 1.86 2.09
CA LEU A 6 7.99 1.55 2.88
C LEU A 6 7.01 0.62 2.20
N LEU A 7 6.68 0.84 0.92
CA LEU A 7 5.77 0.03 0.22
C LEU A 7 6.22 -1.40 0.05
N PHE A 8 7.45 -1.64 -0.39
CA PHE A 8 7.95 -3.00 -0.65
C PHE A 8 8.12 -3.86 0.61
N ASN A 9 8.73 -3.22 1.61
CA ASN A 9 8.92 -3.91 2.91
C ASN A 9 7.65 -4.17 3.62
N LYS A 10 6.65 -3.17 3.67
CA LYS A 10 5.44 -3.41 4.43
C LYS A 10 4.68 -4.62 3.88
N VAL A 11 4.49 -4.69 2.57
CA VAL A 11 3.46 -5.58 2.03
C VAL A 11 4.03 -6.94 1.71
N THR A 12 5.30 -7.19 2.18
CA THR A 12 6.14 -8.35 1.81
C THR A 12 5.51 -9.76 1.97
N LEU A 13 4.79 -10.04 3.05
CA LEU A 13 4.00 -11.28 3.14
C LEU A 13 2.48 -11.17 2.97
N ALA A 14 1.98 -10.03 2.52
CA ALA A 14 0.58 -9.74 2.33
C ALA A 14 0.22 -9.68 0.87
N ASP A 15 1.27 -9.60 -0.05
CA ASP A 15 1.03 -9.43 -1.53
C ASP A 15 0.57 -7.99 -1.81
N ALA A 16 1.42 -7.19 -2.60
CA ALA A 16 0.93 -5.86 -3.13
C ALA A 16 -0.32 -5.96 -4.04
N GLY A 17 -0.51 -7.07 -4.83
CA GLY A 17 -1.75 -7.08 -5.65
C GLY A 17 -3.06 -7.24 -4.88
N PHE A 18 -3.08 -8.05 -3.81
CA PHE A 18 -4.13 -8.01 -2.87
C PHE A 18 -4.39 -6.66 -2.18
N ILE A 19 -3.35 -6.03 -1.70
CA ILE A 19 -3.55 -4.66 -1.07
C ILE A 19 -4.04 -3.66 -2.07
N LYS A 20 -3.56 -3.69 -3.31
CA LYS A 20 -4.05 -2.88 -4.40
C LYS A 20 -5.51 -3.23 -4.84
N GLN A 21 -6.00 -4.49 -4.71
CA GLN A 21 -7.35 -4.98 -4.88
C GLN A 21 -8.33 -4.61 -3.80
N TYR A 22 -7.93 -4.59 -2.51
CA TYR A 22 -8.77 -4.46 -1.39
C TYR A 22 -8.77 -3.09 -0.84
N GLY A 23 -7.80 -2.30 -1.22
CA GLY A 23 -7.34 -1.15 -0.46
C GLY A 23 -7.66 0.12 -1.16
N ASP A 24 -8.77 0.16 -1.96
CA ASP A 24 -9.07 1.19 -2.91
C ASP A 24 -9.48 2.52 -2.26
N CYS A 25 -8.68 3.10 -1.36
CA CYS A 25 -8.85 4.32 -0.67
C CYS A 25 -9.93 4.14 0.41
N LEU A 26 -9.54 3.75 1.66
CA LEU A 26 -10.44 3.27 2.66
C LEU A 26 -10.35 4.37 3.74
N GLY A 27 -9.28 5.11 3.82
CA GLY A 27 -9.11 6.00 4.96
C GLY A 27 -8.47 5.40 6.22
N ASP A 28 -9.28 4.98 7.25
CA ASP A 28 -8.85 4.83 8.67
C ASP A 28 -7.94 3.71 8.88
N VAL A 29 -8.16 2.46 8.27
CA VAL A 29 -7.07 1.35 8.26
C VAL A 29 -5.99 1.73 7.37
N ALA A 30 -4.92 2.28 8.02
CA ALA A 30 -3.89 3.01 7.27
C ALA A 30 -2.99 2.05 6.48
N ALA A 31 -2.80 0.75 6.91
CA ALA A 31 -2.02 -0.30 6.29
C ALA A 31 -2.63 -0.90 5.01
N ARG A 32 -3.96 -0.99 4.93
CA ARG A 32 -4.68 -1.41 3.66
C ARG A 32 -4.83 -0.22 2.67
N ASP A 33 -5.07 1.05 3.20
CA ASP A 33 -5.20 2.24 2.38
C ASP A 33 -3.84 2.83 2.05
N LEU A 34 -2.71 2.21 2.54
CA LEU A 34 -1.34 2.56 2.23
C LEU A 34 -1.05 2.74 0.80
N ILE A 35 -1.59 1.83 -0.08
CA ILE A 35 -1.45 1.93 -1.54
C ILE A 35 -2.05 3.17 -2.24
N CYS A 36 -3.27 3.64 -1.78
CA CYS A 36 -3.84 4.91 -2.11
C CYS A 36 -3.13 6.18 -1.60
N ALA A 37 -2.66 6.16 -0.29
CA ALA A 37 -2.04 7.32 0.26
C ALA A 37 -0.71 7.69 -0.49
N GLN A 38 0.09 6.66 -0.83
CA GLN A 38 1.33 6.91 -1.58
C GLN A 38 1.10 6.78 -3.08
N LYS A 39 -0.08 6.48 -3.46
CA LYS A 39 -0.48 6.09 -4.83
C LYS A 39 0.30 4.96 -5.51
N PHE A 40 0.87 4.06 -4.67
CA PHE A 40 1.85 3.08 -5.15
C PHE A 40 3.03 3.74 -6.00
N ASN A 41 3.54 4.89 -5.47
CA ASN A 41 4.61 5.71 -6.03
C ASN A 41 4.40 6.37 -7.45
N GLY A 42 3.26 7.00 -7.57
CA GLY A 42 2.80 7.67 -8.82
C GLY A 42 1.60 6.93 -9.36
N SER A 1 11.05 9.80 -2.31
CA SER A 1 12.14 8.85 -2.05
C SER A 1 12.09 8.02 -0.75
N PHE A 2 11.95 8.67 0.35
CA PHE A 2 12.04 8.12 1.70
C PHE A 2 11.05 7.05 2.06
N ILE A 3 9.83 7.13 1.49
CA ILE A 3 8.73 6.20 1.83
C ILE A 3 8.94 4.77 1.24
N GLU A 4 9.78 4.60 0.18
CA GLU A 4 9.84 3.46 -0.73
C GLU A 4 9.96 2.08 -0.06
N ASP A 5 10.90 1.92 0.93
CA ASP A 5 11.15 0.75 1.73
C ASP A 5 9.90 0.20 2.46
N LEU A 6 9.06 1.14 3.03
CA LEU A 6 7.82 0.87 3.71
C LEU A 6 6.71 0.50 2.69
N LEU A 7 6.71 1.09 1.49
CA LEU A 7 5.91 0.66 0.36
C LEU A 7 6.20 -0.78 -0.16
N PHE A 8 7.49 -1.23 -0.16
CA PHE A 8 7.78 -2.61 -0.40
C PHE A 8 7.63 -3.56 0.74
N ASN A 9 7.76 -3.11 2.03
CA ASN A 9 7.70 -3.96 3.20
C ASN A 9 6.27 -4.32 3.54
N LYS A 10 5.32 -3.40 3.30
CA LYS A 10 3.94 -3.61 3.65
C LYS A 10 3.17 -4.52 2.68
N VAL A 11 3.83 -4.73 1.49
CA VAL A 11 3.32 -5.64 0.48
C VAL A 11 4.07 -6.97 0.39
N THR A 12 4.91 -7.30 1.34
CA THR A 12 5.83 -8.44 1.43
C THR A 12 5.22 -9.85 1.40
N LEU A 13 4.07 -9.97 2.12
CA LEU A 13 3.26 -11.18 2.06
C LEU A 13 1.71 -10.98 1.75
N ALA A 14 1.33 -9.71 1.57
CA ALA A 14 0.00 -9.37 1.14
C ALA A 14 -0.09 -9.33 -0.40
N ASP A 15 1.04 -9.33 -1.17
CA ASP A 15 1.14 -9.14 -2.61
C ASP A 15 0.50 -7.90 -3.29
N ALA A 16 1.24 -7.09 -4.10
CA ALA A 16 0.75 -5.84 -4.61
C ALA A 16 -0.50 -5.95 -5.49
N GLY A 17 -0.56 -6.92 -6.41
CA GLY A 17 -1.83 -7.25 -7.10
C GLY A 17 -3.01 -7.53 -6.18
N PHE A 18 -2.83 -8.46 -5.22
CA PHE A 18 -3.87 -8.85 -4.31
C PHE A 18 -4.27 -7.84 -3.19
N ILE A 19 -3.30 -7.10 -2.65
CA ILE A 19 -3.63 -6.09 -1.70
C ILE A 19 -4.51 -4.93 -2.28
N LYS A 20 -4.34 -4.62 -3.58
CA LYS A 20 -5.27 -3.74 -4.30
C LYS A 20 -6.71 -4.27 -4.31
N GLN A 21 -6.89 -5.57 -4.69
CA GLN A 21 -8.14 -6.32 -4.68
C GLN A 21 -8.82 -6.43 -3.30
N TYR A 22 -8.05 -6.68 -2.24
CA TYR A 22 -8.45 -6.79 -0.86
C TYR A 22 -8.43 -5.50 -0.07
N GLY A 23 -8.07 -4.37 -0.72
CA GLY A 23 -7.99 -3.11 0.04
C GLY A 23 -8.48 -1.97 -0.77
N ASP A 24 -9.55 -1.23 -0.40
CA ASP A 24 -10.22 -0.22 -1.24
C ASP A 24 -9.79 1.15 -0.72
N CYS A 25 -8.93 1.22 0.31
CA CYS A 25 -8.19 2.41 0.67
C CYS A 25 -8.96 3.64 1.14
N LEU A 26 -9.96 3.56 2.09
CA LEU A 26 -10.82 4.69 2.38
C LEU A 26 -10.52 5.63 3.53
N GLY A 27 -9.37 5.45 4.26
CA GLY A 27 -8.92 6.39 5.26
C GLY A 27 -9.06 6.02 6.75
N ASP A 28 -9.51 4.78 7.17
CA ASP A 28 -9.81 4.59 8.58
C ASP A 28 -8.60 3.95 9.30
N VAL A 29 -7.43 3.81 8.69
CA VAL A 29 -6.17 3.49 9.36
C VAL A 29 -4.99 4.13 8.56
N ALA A 30 -3.99 4.60 9.30
CA ALA A 30 -2.71 5.09 8.74
C ALA A 30 -1.94 4.06 7.92
N ALA A 31 -1.87 2.80 8.39
CA ALA A 31 -1.10 1.71 7.85
C ALA A 31 -1.46 1.26 6.41
N ARG A 32 -2.74 1.38 6.01
CA ARG A 32 -3.22 0.98 4.71
C ARG A 32 -3.40 2.10 3.70
N ASP A 33 -3.17 3.35 4.14
CA ASP A 33 -3.33 4.60 3.41
C ASP A 33 -2.27 4.68 2.37
N LEU A 34 -1.08 4.11 2.58
CA LEU A 34 0.05 4.20 1.55
C LEU A 34 -0.36 3.59 0.20
N ILE A 35 -1.33 2.67 0.14
CA ILE A 35 -1.70 2.18 -1.19
C ILE A 35 -2.23 3.25 -2.12
N CYS A 36 -3.17 4.10 -1.60
CA CYS A 36 -3.75 5.09 -2.47
C CYS A 36 -3.12 6.47 -2.32
N ALA A 37 -2.43 6.85 -1.20
CA ALA A 37 -1.50 8.04 -1.16
C ALA A 37 -0.27 7.95 -2.09
N GLN A 38 0.32 6.70 -2.26
CA GLN A 38 1.60 6.53 -2.90
C GLN A 38 1.55 5.57 -4.15
N LYS A 39 0.34 5.14 -4.57
CA LYS A 39 -0.03 4.45 -5.77
C LYS A 39 0.77 3.19 -6.12
N PHE A 40 1.26 2.43 -5.07
CA PHE A 40 2.17 1.35 -5.10
C PHE A 40 3.46 1.73 -5.79
N ASN A 41 3.99 2.89 -5.31
CA ASN A 41 5.37 3.20 -5.68
C ASN A 41 5.48 3.93 -7.06
N GLY A 42 4.62 4.98 -7.27
CA GLY A 42 4.57 5.72 -8.50
C GLY A 42 3.17 6.41 -8.81
N SER A 1 13.59 8.56 -1.41
CA SER A 1 14.31 7.22 -1.38
C SER A 1 13.85 6.30 -0.20
N PHE A 2 13.83 6.81 1.13
CA PHE A 2 13.53 5.98 2.32
C PHE A 2 12.20 5.39 2.17
N ILE A 3 11.23 6.13 1.65
CA ILE A 3 9.86 5.73 1.53
C ILE A 3 9.57 4.57 0.61
N GLU A 4 10.29 4.39 -0.51
CA GLU A 4 9.94 3.42 -1.51
C GLU A 4 10.23 2.00 -0.96
N ASP A 5 11.31 1.80 -0.15
CA ASP A 5 11.50 0.51 0.46
C ASP A 5 10.57 0.24 1.58
N LEU A 6 10.30 1.25 2.46
CA LEU A 6 9.48 1.13 3.60
C LEU A 6 8.06 0.67 3.31
N LEU A 7 7.54 1.23 2.22
CA LEU A 7 6.22 0.94 1.76
C LEU A 7 6.01 -0.41 1.08
N PHE A 8 6.94 -0.89 0.18
CA PHE A 8 7.02 -2.23 -0.39
C PHE A 8 7.38 -3.28 0.55
N ASN A 9 8.27 -2.99 1.53
CA ASN A 9 8.69 -3.95 2.56
C ASN A 9 7.44 -4.29 3.42
N LYS A 10 6.48 -3.31 3.62
CA LYS A 10 5.17 -3.48 4.39
C LYS A 10 4.36 -4.54 3.71
N VAL A 11 4.24 -4.57 2.39
CA VAL A 11 3.38 -5.47 1.69
C VAL A 11 4.18 -6.64 1.07
N THR A 12 5.40 -7.00 1.56
CA THR A 12 6.33 -8.00 1.05
C THR A 12 5.79 -9.39 0.93
N LEU A 13 4.85 -9.92 1.82
CA LEU A 13 4.11 -11.11 1.40
C LEU A 13 2.65 -10.95 1.30
N ALA A 14 2.22 -9.75 1.84
CA ALA A 14 0.83 -9.30 1.72
C ALA A 14 0.37 -9.04 0.31
N ASP A 15 1.25 -8.31 -0.45
CA ASP A 15 1.01 -7.82 -1.77
C ASP A 15 0.13 -6.56 -1.84
N ALA A 16 0.59 -5.43 -2.47
CA ALA A 16 -0.21 -4.27 -2.68
C ALA A 16 -1.36 -4.36 -3.63
N GLY A 17 -1.32 -5.25 -4.71
CA GLY A 17 -2.38 -5.32 -5.72
C GLY A 17 -3.50 -6.19 -5.16
N PHE A 18 -3.13 -7.14 -4.38
CA PHE A 18 -4.14 -7.88 -3.52
C PHE A 18 -4.94 -6.98 -2.61
N ILE A 19 -4.23 -6.02 -1.91
CA ILE A 19 -4.76 -4.93 -1.07
C ILE A 19 -5.65 -3.96 -1.81
N LYS A 20 -5.30 -3.63 -3.02
CA LYS A 20 -6.26 -3.06 -3.98
C LYS A 20 -7.48 -3.87 -4.34
N GLN A 21 -7.33 -5.17 -4.64
CA GLN A 21 -8.44 -6.05 -4.89
C GLN A 21 -9.38 -6.37 -3.70
N TYR A 22 -8.83 -6.70 -2.50
CA TYR A 22 -9.60 -6.89 -1.32
C TYR A 22 -10.43 -5.70 -0.78
N GLY A 23 -9.72 -4.53 -0.81
CA GLY A 23 -10.31 -3.26 -0.34
C GLY A 23 -11.00 -2.43 -1.41
N ASP A 24 -11.13 -1.14 -1.15
CA ASP A 24 -11.63 -0.11 -2.00
C ASP A 24 -10.95 1.25 -1.85
N CYS A 25 -9.72 1.19 -1.18
CA CYS A 25 -8.97 2.36 -0.76
C CYS A 25 -9.77 3.36 0.09
N LEU A 26 -10.44 2.93 1.16
CA LEU A 26 -11.38 3.79 1.95
C LEU A 26 -10.79 4.46 3.14
N GLY A 27 -9.56 4.16 3.57
CA GLY A 27 -8.84 4.96 4.59
C GLY A 27 -9.12 4.70 5.99
N ASP A 28 -9.89 3.70 6.32
CA ASP A 28 -10.24 3.42 7.72
C ASP A 28 -9.04 2.98 8.53
N VAL A 29 -8.14 2.29 7.95
CA VAL A 29 -6.86 2.01 8.63
C VAL A 29 -5.81 2.60 7.68
N ALA A 30 -5.23 3.73 8.11
CA ALA A 30 -4.19 4.37 7.32
C ALA A 30 -2.96 3.48 7.11
N ALA A 31 -2.65 2.65 8.11
CA ALA A 31 -1.45 1.90 8.17
C ALA A 31 -1.40 0.89 7.03
N ARG A 32 -2.47 0.22 6.63
CA ARG A 32 -2.49 -0.67 5.47
C ARG A 32 -3.02 -0.04 4.13
N ASP A 33 -3.52 1.23 4.22
CA ASP A 33 -4.13 1.93 3.11
C ASP A 33 -3.07 2.63 2.18
N LEU A 34 -1.82 2.65 2.66
CA LEU A 34 -0.67 3.46 2.20
C LEU A 34 -0.32 3.25 0.76
N ILE A 35 -0.48 2.05 0.15
CA ILE A 35 -0.20 1.66 -1.21
C ILE A 35 -1.14 2.32 -2.18
N CYS A 36 -2.21 2.92 -1.65
CA CYS A 36 -3.09 3.74 -2.45
C CYS A 36 -2.98 5.21 -2.28
N ALA A 37 -2.03 5.73 -1.46
CA ALA A 37 -1.74 7.19 -1.48
C ALA A 37 -0.74 7.62 -2.56
N GLN A 38 -1.28 7.89 -3.80
CA GLN A 38 -0.51 8.59 -4.85
C GLN A 38 0.75 7.93 -5.33
N LYS A 39 0.79 6.61 -5.77
CA LYS A 39 2.00 5.94 -5.97
C LYS A 39 2.09 5.07 -7.22
N PHE A 40 1.24 4.04 -7.28
CA PHE A 40 1.19 3.24 -8.52
C PHE A 40 0.19 3.86 -9.51
N ASN A 41 -0.36 5.07 -9.31
CA ASN A 41 -1.37 5.76 -10.07
C ASN A 41 -0.82 6.07 -11.42
N GLY A 42 0.44 6.53 -11.57
CA GLY A 42 1.14 6.40 -12.82
C GLY A 42 1.72 7.75 -13.34
N SER A 1 13.85 6.85 -4.14
CA SER A 1 12.52 6.38 -3.81
C SER A 1 12.52 5.88 -2.36
N PHE A 2 12.44 6.71 -1.31
CA PHE A 2 12.44 6.30 0.10
C PHE A 2 11.21 5.45 0.39
N ILE A 3 10.07 5.88 -0.23
CA ILE A 3 8.74 5.34 0.02
C ILE A 3 8.63 3.91 -0.45
N GLU A 4 9.32 3.52 -1.65
CA GLU A 4 9.32 2.22 -2.29
C GLU A 4 9.62 1.07 -1.24
N ASP A 5 10.64 1.34 -0.42
CA ASP A 5 10.95 0.47 0.70
C ASP A 5 9.88 0.42 1.83
N LEU A 6 9.34 1.59 2.22
CA LEU A 6 8.29 1.68 3.26
C LEU A 6 7.01 0.95 2.83
N LEU A 7 6.69 0.97 1.55
CA LEU A 7 5.64 0.10 0.88
C LEU A 7 6.00 -1.39 0.97
N PHE A 8 7.19 -1.79 0.41
CA PHE A 8 7.58 -3.20 0.41
C PHE A 8 7.77 -3.83 1.80
N ASN A 9 8.19 -3.09 2.84
CA ASN A 9 8.19 -3.62 4.18
C ASN A 9 6.81 -4.11 4.75
N LYS A 10 5.75 -3.44 4.38
CA LYS A 10 4.44 -3.78 4.90
C LYS A 10 3.83 -4.91 4.06
N VAL A 11 3.90 -4.87 2.73
CA VAL A 11 3.24 -5.91 1.82
C VAL A 11 4.21 -6.96 1.34
N THR A 12 5.40 -7.11 1.97
CA THR A 12 6.37 -8.18 1.51
C THR A 12 5.84 -9.64 1.46
N LEU A 13 4.89 -10.04 2.32
CA LEU A 13 4.33 -11.32 2.38
C LEU A 13 2.84 -11.15 2.18
N ALA A 14 2.27 -9.96 1.93
CA ALA A 14 0.90 -9.64 1.61
C ALA A 14 0.64 -9.63 0.11
N ASP A 15 1.71 -9.19 -0.66
CA ASP A 15 1.76 -9.08 -2.06
C ASP A 15 0.98 -7.84 -2.52
N ALA A 16 1.66 -6.96 -3.31
CA ALA A 16 1.08 -5.69 -3.71
C ALA A 16 -0.18 -5.79 -4.67
N GLY A 17 -0.38 -6.85 -5.52
CA GLY A 17 -1.63 -7.01 -6.31
C GLY A 17 -2.89 -7.24 -5.50
N PHE A 18 -2.78 -7.88 -4.30
CA PHE A 18 -3.84 -8.17 -3.43
C PHE A 18 -4.10 -6.98 -2.50
N ILE A 19 -3.06 -6.22 -2.11
CA ILE A 19 -3.17 -5.01 -1.38
C ILE A 19 -3.88 -3.86 -2.14
N LYS A 20 -3.69 -3.82 -3.43
CA LYS A 20 -4.55 -3.09 -4.39
C LYS A 20 -5.99 -3.51 -4.27
N GLN A 21 -6.29 -4.81 -4.46
CA GLN A 21 -7.65 -5.43 -4.48
C GLN A 21 -8.50 -5.29 -3.24
N TYR A 22 -7.80 -5.61 -2.10
CA TYR A 22 -8.38 -5.58 -0.73
C TYR A 22 -8.40 -4.14 -0.16
N GLY A 23 -7.65 -3.19 -0.81
CA GLY A 23 -7.52 -1.74 -0.47
C GLY A 23 -8.14 -0.76 -1.42
N ASP A 24 -9.32 -0.30 -1.00
CA ASP A 24 -10.00 0.68 -1.73
C ASP A 24 -9.88 2.09 -1.06
N CYS A 25 -9.23 2.21 0.12
CA CYS A 25 -8.76 3.54 0.53
C CYS A 25 -9.82 4.39 1.12
N LEU A 26 -10.61 3.85 2.10
CA LEU A 26 -11.79 4.57 2.55
C LEU A 26 -11.56 5.24 3.91
N GLY A 27 -10.27 5.16 4.44
CA GLY A 27 -9.76 6.04 5.50
C GLY A 27 -9.62 5.51 6.94
N ASP A 28 -10.39 4.46 7.31
CA ASP A 28 -10.37 3.82 8.63
C ASP A 28 -9.03 3.09 8.85
N VAL A 29 -8.51 2.30 7.81
CA VAL A 29 -7.20 1.57 7.98
C VAL A 29 -6.24 2.42 7.19
N ALA A 30 -5.41 3.24 7.88
CA ALA A 30 -4.18 3.79 7.38
C ALA A 30 -3.16 2.90 6.84
N ALA A 31 -3.05 1.69 7.47
CA ALA A 31 -2.06 0.70 7.15
C ALA A 31 -2.25 0.00 5.78
N ARG A 32 -3.55 -0.04 5.31
CA ARG A 32 -3.95 -0.57 3.96
C ARG A 32 -4.35 0.59 3.02
N ASP A 33 -3.84 1.84 3.42
CA ASP A 33 -4.14 2.97 2.60
C ASP A 33 -2.93 3.27 1.74
N LEU A 34 -1.71 2.63 2.07
CA LEU A 34 -0.44 3.02 1.42
C LEU A 34 -0.30 3.17 -0.12
N ILE A 35 -1.07 2.33 -0.88
CA ILE A 35 -1.07 2.43 -2.36
C ILE A 35 -1.92 3.62 -2.96
N CYS A 36 -2.93 4.12 -2.15
CA CYS A 36 -3.52 5.41 -2.48
C CYS A 36 -2.77 6.57 -1.91
N ALA A 37 -2.38 6.47 -0.66
CA ALA A 37 -1.66 7.49 0.07
C ALA A 37 -0.36 8.01 -0.58
N GLN A 38 0.45 7.04 -1.03
CA GLN A 38 1.67 7.36 -1.74
C GLN A 38 1.54 7.22 -3.27
N LYS A 39 0.28 6.90 -3.71
CA LYS A 39 -0.12 6.77 -5.14
C LYS A 39 0.60 5.75 -5.92
N PHE A 40 1.00 4.66 -5.27
CA PHE A 40 1.85 3.57 -5.64
C PHE A 40 3.21 4.03 -6.24
N ASN A 41 3.59 5.30 -5.99
CA ASN A 41 4.82 5.93 -6.38
C ASN A 41 4.97 6.05 -7.91
N GLY A 42 3.82 6.18 -8.55
CA GLY A 42 3.67 6.39 -10.02
C GLY A 42 3.87 7.85 -10.43
N SER A 1 11.45 5.43 -6.22
CA SER A 1 11.82 6.49 -5.19
C SER A 1 12.21 6.01 -3.79
N PHE A 2 12.49 6.90 -2.85
CA PHE A 2 13.15 6.62 -1.54
C PHE A 2 12.18 5.70 -0.70
N ILE A 3 10.83 5.97 -0.85
CA ILE A 3 9.84 5.16 -0.20
C ILE A 3 9.59 3.79 -0.76
N GLU A 4 10.03 3.45 -1.95
CA GLU A 4 9.79 2.07 -2.55
C GLU A 4 10.11 0.88 -1.58
N ASP A 5 11.27 0.93 -0.99
CA ASP A 5 11.74 0.10 0.13
C ASP A 5 10.97 0.19 1.47
N LEU A 6 10.46 1.39 1.81
CA LEU A 6 9.54 1.55 2.97
C LEU A 6 8.22 0.87 2.70
N LEU A 7 7.56 1.13 1.55
CA LEU A 7 6.39 0.37 1.02
C LEU A 7 6.51 -1.17 0.89
N PHE A 8 7.70 -1.68 0.37
CA PHE A 8 7.96 -3.09 0.31
C PHE A 8 7.93 -3.76 1.70
N ASN A 9 8.41 -3.07 2.77
CA ASN A 9 8.50 -3.59 4.12
C ASN A 9 7.04 -4.02 4.53
N LYS A 10 5.98 -3.30 4.05
CA LYS A 10 4.63 -3.57 4.46
C LYS A 10 4.10 -4.79 3.66
N VAL A 11 4.42 -4.80 2.34
CA VAL A 11 3.54 -5.66 1.43
C VAL A 11 4.25 -7.04 1.22
N THR A 12 5.36 -7.33 2.02
CA THR A 12 6.06 -8.61 1.89
C THR A 12 5.21 -9.91 2.02
N LEU A 13 4.40 -10.03 3.05
CA LEU A 13 3.39 -11.07 3.30
C LEU A 13 1.96 -10.56 3.13
N ALA A 14 1.73 -9.19 2.94
CA ALA A 14 0.43 -8.71 2.66
C ALA A 14 0.00 -8.69 1.20
N ASP A 15 1.05 -8.83 0.33
CA ASP A 15 1.06 -8.77 -1.09
C ASP A 15 0.43 -7.47 -1.62
N ALA A 16 1.12 -6.63 -2.42
CA ALA A 16 0.68 -5.46 -3.13
C ALA A 16 -0.31 -5.77 -4.20
N GLY A 17 -0.16 -6.95 -4.78
CA GLY A 17 -1.18 -7.58 -5.54
C GLY A 17 -2.56 -7.73 -4.86
N PHE A 18 -2.71 -8.26 -3.63
CA PHE A 18 -3.90 -8.32 -2.88
C PHE A 18 -4.42 -6.90 -2.51
N ILE A 19 -3.55 -5.98 -2.15
CA ILE A 19 -3.94 -4.67 -1.79
C ILE A 19 -4.52 -3.86 -2.96
N LYS A 20 -4.08 -4.07 -4.26
CA LYS A 20 -4.60 -3.50 -5.47
C LYS A 20 -6.04 -3.91 -5.67
N GLN A 21 -6.35 -5.20 -5.45
CA GLN A 21 -7.68 -5.82 -5.39
C GLN A 21 -8.60 -5.32 -4.21
N TYR A 22 -8.00 -5.01 -3.01
CA TYR A 22 -8.61 -4.65 -1.72
C TYR A 22 -8.77 -3.17 -1.54
N GLY A 23 -8.37 -2.42 -2.56
CA GLY A 23 -8.14 -1.02 -2.45
C GLY A 23 -9.34 -0.16 -2.62
N ASP A 24 -10.38 -0.28 -1.74
CA ASP A 24 -11.51 0.56 -1.80
C ASP A 24 -11.06 1.99 -1.44
N CYS A 25 -10.15 2.17 -0.45
CA CYS A 25 -9.67 3.44 0.10
C CYS A 25 -10.68 4.34 0.77
N LEU A 26 -11.56 3.70 1.65
CA LEU A 26 -12.64 4.46 2.28
C LEU A 26 -12.15 5.50 3.33
N GLY A 27 -11.21 5.09 4.20
CA GLY A 27 -10.74 5.96 5.33
C GLY A 27 -10.18 5.16 6.49
N ASP A 28 -10.64 3.86 6.70
CA ASP A 28 -10.03 3.05 7.77
C ASP A 28 -8.72 2.37 7.31
N VAL A 29 -8.09 1.51 8.23
CA VAL A 29 -6.98 0.63 7.88
C VAL A 29 -5.79 1.28 7.07
N ALA A 30 -5.38 2.41 7.74
CA ALA A 30 -4.25 3.19 7.32
C ALA A 30 -2.96 2.58 6.72
N ALA A 31 -2.43 1.49 7.32
CA ALA A 31 -1.28 0.74 6.90
C ALA A 31 -1.53 -0.15 5.60
N ARG A 32 -2.76 -0.34 5.25
CA ARG A 32 -3.23 -0.99 4.06
C ARG A 32 -3.79 -0.02 3.02
N ASP A 33 -3.69 1.27 3.32
CA ASP A 33 -4.18 2.39 2.47
C ASP A 33 -2.99 3.07 1.72
N LEU A 34 -1.83 2.33 1.63
CA LEU A 34 -0.59 2.83 1.19
C LEU A 34 -0.70 3.28 -0.27
N ILE A 35 -1.71 2.70 -1.03
CA ILE A 35 -1.93 3.01 -2.41
C ILE A 35 -2.47 4.39 -2.68
N CYS A 36 -3.56 4.72 -1.99
CA CYS A 36 -4.21 6.02 -2.06
C CYS A 36 -3.33 7.08 -1.31
N ALA A 37 -2.74 6.77 -0.14
CA ALA A 37 -2.05 7.77 0.64
C ALA A 37 -0.67 8.06 0.08
N GLN A 38 0.14 7.03 -0.25
CA GLN A 38 1.49 7.37 -0.65
C GLN A 38 1.62 7.31 -2.05
N LYS A 39 0.49 7.22 -2.81
CA LYS A 39 0.34 7.35 -4.21
C LYS A 39 0.97 6.24 -4.91
N PHE A 40 1.36 5.18 -4.12
CA PHE A 40 1.89 3.89 -4.58
C PHE A 40 3.12 4.05 -5.39
N ASN A 41 3.96 4.94 -4.87
CA ASN A 41 5.34 5.27 -5.35
C ASN A 41 5.28 6.30 -6.48
N GLY A 42 4.11 6.94 -6.62
CA GLY A 42 4.01 7.94 -7.66
C GLY A 42 4.00 9.34 -7.13
N SER A 1 14.21 8.51 -2.34
CA SER A 1 13.07 8.84 -1.41
C SER A 1 12.89 7.93 -0.23
N PHE A 2 12.58 8.42 0.97
CA PHE A 2 12.53 7.77 2.27
C PHE A 2 11.41 6.78 2.38
N ILE A 3 10.23 7.09 1.91
CA ILE A 3 9.03 6.31 2.06
C ILE A 3 9.08 4.85 1.56
N GLU A 4 9.76 4.60 0.43
CA GLU A 4 9.64 3.31 -0.30
C GLU A 4 9.93 2.03 0.42
N ASP A 5 10.99 1.93 1.31
CA ASP A 5 11.34 0.70 2.02
C ASP A 5 10.30 0.39 3.08
N LEU A 6 9.65 1.37 3.77
CA LEU A 6 8.51 1.09 4.72
C LEU A 6 7.32 0.49 3.97
N LEU A 7 6.98 0.98 2.74
CA LEU A 7 6.03 0.52 1.82
C LEU A 7 6.25 -0.95 1.26
N PHE A 8 7.52 -1.37 1.14
CA PHE A 8 7.82 -2.74 0.84
C PHE A 8 7.45 -3.76 1.89
N ASN A 9 7.57 -3.37 3.16
CA ASN A 9 7.25 -4.26 4.20
C ASN A 9 5.79 -4.58 4.32
N LYS A 10 4.85 -3.72 3.74
CA LYS A 10 3.50 -4.00 3.53
C LYS A 10 3.17 -5.15 2.54
N VAL A 11 3.73 -5.11 1.36
CA VAL A 11 3.42 -6.02 0.27
C VAL A 11 4.38 -7.23 0.13
N THR A 12 5.33 -7.42 1.10
CA THR A 12 6.37 -8.48 1.07
C THR A 12 5.79 -9.94 1.14
N LEU A 13 4.62 -10.06 1.83
CA LEU A 13 4.02 -11.34 2.03
C LEU A 13 2.54 -11.28 1.61
N ALA A 14 1.93 -10.06 1.69
CA ALA A 14 0.53 -9.86 1.38
C ALA A 14 0.22 -9.86 -0.12
N ASP A 15 1.22 -9.48 -0.98
CA ASP A 15 1.22 -9.35 -2.37
C ASP A 15 0.47 -8.12 -2.81
N ALA A 16 0.96 -7.30 -3.75
CA ALA A 16 0.39 -6.02 -4.19
C ALA A 16 -0.98 -6.14 -4.76
N GLY A 17 -1.23 -7.14 -5.64
CA GLY A 17 -2.47 -7.48 -6.25
C GLY A 17 -3.63 -7.77 -5.31
N PHE A 18 -3.36 -8.45 -4.18
CA PHE A 18 -4.37 -8.81 -3.18
C PHE A 18 -4.89 -7.48 -2.40
N ILE A 19 -4.04 -6.49 -2.15
CA ILE A 19 -4.47 -5.23 -1.52
C ILE A 19 -5.15 -4.26 -2.52
N LYS A 20 -4.89 -4.46 -3.83
CA LYS A 20 -5.67 -3.74 -4.88
C LYS A 20 -7.09 -4.28 -5.05
N GLN A 21 -7.21 -5.64 -4.87
CA GLN A 21 -8.38 -6.43 -4.99
C GLN A 21 -9.25 -6.30 -3.72
N TYR A 22 -8.64 -6.56 -2.48
CA TYR A 22 -9.44 -6.83 -1.31
C TYR A 22 -9.83 -5.54 -0.54
N GLY A 23 -9.38 -4.42 -1.08
CA GLY A 23 -9.53 -3.14 -0.56
C GLY A 23 -9.73 -2.06 -1.61
N ASP A 24 -10.25 -0.92 -1.21
CA ASP A 24 -10.40 0.20 -2.09
C ASP A 24 -9.90 1.41 -1.42
N CYS A 25 -8.77 1.21 -0.61
CA CYS A 25 -8.18 2.21 0.24
C CYS A 25 -9.22 3.11 1.08
N LEU A 26 -10.09 2.39 1.93
CA LEU A 26 -11.20 2.92 2.67
C LEU A 26 -10.85 4.13 3.58
N GLY A 27 -9.66 4.10 4.30
CA GLY A 27 -9.10 5.40 4.75
C GLY A 27 -8.77 5.47 6.19
N ASP A 28 -9.05 4.51 7.10
CA ASP A 28 -8.79 4.73 8.50
C ASP A 28 -7.41 4.21 8.90
N VAL A 29 -6.68 3.42 8.11
CA VAL A 29 -5.46 2.82 8.50
C VAL A 29 -4.28 3.24 7.69
N ALA A 30 -3.13 3.44 8.42
CA ALA A 30 -1.97 4.14 7.97
C ALA A 30 -1.01 3.24 7.15
N ALA A 31 -0.93 1.92 7.47
CA ALA A 31 -0.08 0.99 6.66
C ALA A 31 -0.63 0.75 5.28
N ARG A 32 -1.96 0.54 5.08
CA ARG A 32 -2.58 0.51 3.77
C ARG A 32 -2.62 1.87 3.03
N ASP A 33 -2.25 3.00 3.67
CA ASP A 33 -2.45 4.36 3.16
C ASP A 33 -1.55 4.67 1.95
N LEU A 34 -0.55 3.82 1.72
CA LEU A 34 0.22 3.77 0.50
C LEU A 34 -0.56 3.57 -0.82
N ILE A 35 -1.63 2.82 -0.79
CA ILE A 35 -2.53 2.63 -1.94
C ILE A 35 -3.11 3.91 -2.44
N CYS A 36 -3.68 4.68 -1.46
CA CYS A 36 -4.19 6.02 -1.76
C CYS A 36 -3.17 7.18 -2.10
N ALA A 37 -2.05 7.28 -1.36
CA ALA A 37 -1.26 8.44 -1.39
C ALA A 37 -0.40 8.46 -2.63
N GLN A 38 0.06 7.29 -3.00
CA GLN A 38 0.94 7.06 -4.16
C GLN A 38 0.30 6.55 -5.41
N LYS A 39 -1.00 6.38 -5.24
CA LYS A 39 -1.94 6.06 -6.26
C LYS A 39 -1.84 4.65 -6.82
N PHE A 40 -1.42 3.65 -5.98
CA PHE A 40 -0.92 2.30 -6.36
C PHE A 40 0.32 2.25 -7.19
N ASN A 41 1.38 2.97 -6.72
CA ASN A 41 2.71 3.03 -7.22
C ASN A 41 2.73 3.51 -8.62
N GLY A 42 2.00 4.53 -8.97
CA GLY A 42 2.00 4.96 -10.37
C GLY A 42 1.59 6.42 -10.43
N SER A 1 10.58 7.69 -5.23
CA SER A 1 11.94 6.99 -4.88
C SER A 1 11.94 6.34 -3.51
N PHE A 2 12.22 7.05 -2.44
CA PHE A 2 12.36 6.47 -1.09
C PHE A 2 11.26 5.59 -0.50
N ILE A 3 10.01 6.07 -0.78
CA ILE A 3 8.69 5.50 -0.54
C ILE A 3 8.47 4.05 -1.01
N GLU A 4 9.35 3.49 -1.93
CA GLU A 4 9.30 2.12 -2.36
C GLU A 4 9.59 1.22 -1.24
N ASP A 5 10.51 1.55 -0.24
CA ASP A 5 10.73 0.73 0.95
C ASP A 5 9.50 0.79 1.94
N LEU A 6 8.75 1.90 1.90
CA LEU A 6 7.76 2.20 2.94
C LEU A 6 6.45 1.36 2.57
N LEU A 7 6.17 1.35 1.22
CA LEU A 7 5.29 0.42 0.62
C LEU A 7 5.62 -1.00 0.82
N PHE A 8 6.92 -1.38 0.59
CA PHE A 8 7.37 -2.75 0.73
C PHE A 8 7.28 -3.37 2.10
N ASN A 9 7.82 -2.76 3.15
CA ASN A 9 7.76 -3.27 4.55
C ASN A 9 6.41 -3.71 4.96
N LYS A 10 5.27 -3.13 4.59
CA LYS A 10 3.91 -3.47 5.04
C LYS A 10 3.17 -4.60 4.34
N VAL A 11 3.45 -4.65 3.04
CA VAL A 11 2.80 -5.57 2.09
C VAL A 11 3.65 -6.72 1.65
N THR A 12 4.83 -7.01 2.23
CA THR A 12 5.83 -7.90 1.71
C THR A 12 5.26 -9.37 1.70
N LEU A 13 4.62 -9.84 2.77
CA LEU A 13 4.09 -11.20 2.92
C LEU A 13 2.62 -11.39 2.47
N ALA A 14 1.99 -10.21 2.11
CA ALA A 14 0.60 -10.05 1.80
C ALA A 14 0.38 -9.65 0.30
N ASP A 15 1.47 -9.40 -0.44
CA ASP A 15 1.59 -9.10 -1.82
C ASP A 15 0.93 -7.76 -2.35
N ALA A 16 1.81 -6.87 -2.91
CA ALA A 16 1.43 -5.52 -3.22
C ALA A 16 0.43 -5.34 -4.30
N GLY A 17 0.37 -6.32 -5.28
CA GLY A 17 -0.59 -6.29 -6.38
C GLY A 17 -1.95 -6.57 -5.83
N PHE A 18 -2.05 -7.45 -4.85
CA PHE A 18 -3.29 -7.86 -4.33
C PHE A 18 -3.98 -6.76 -3.43
N ILE A 19 -3.13 -6.15 -2.56
CA ILE A 19 -3.47 -5.10 -1.62
C ILE A 19 -4.03 -3.83 -2.28
N LYS A 20 -3.68 -3.58 -3.56
CA LYS A 20 -4.36 -2.56 -4.40
C LYS A 20 -5.92 -2.77 -4.56
N GLN A 21 -6.33 -4.03 -4.92
CA GLN A 21 -7.68 -4.39 -5.06
C GLN A 21 -8.35 -4.44 -3.72
N TYR A 22 -7.75 -5.15 -2.75
CA TYR A 22 -8.20 -5.36 -1.40
C TYR A 22 -8.33 -4.09 -0.60
N GLY A 23 -7.28 -3.19 -0.63
CA GLY A 23 -7.38 -1.90 0.03
C GLY A 23 -8.07 -0.82 -0.78
N ASP A 24 -9.38 -0.68 -0.65
CA ASP A 24 -10.18 0.26 -1.36
C ASP A 24 -10.16 1.67 -0.92
N CYS A 25 -9.14 1.97 -0.09
CA CYS A 25 -8.78 3.33 0.35
C CYS A 25 -9.86 3.94 1.21
N LEU A 26 -10.08 3.37 2.40
CA LEU A 26 -11.19 3.85 3.20
C LEU A 26 -10.90 5.09 4.05
N GLY A 27 -9.65 5.52 4.28
CA GLY A 27 -9.39 6.77 5.06
C GLY A 27 -9.51 6.34 6.56
N ASP A 28 -9.00 5.15 6.91
CA ASP A 28 -9.16 4.51 8.22
C ASP A 28 -7.99 3.71 8.39
N VAL A 29 -7.97 2.41 7.98
CA VAL A 29 -6.86 1.55 8.11
C VAL A 29 -5.64 1.92 7.30
N ALA A 30 -4.65 2.54 7.94
CA ALA A 30 -3.43 2.87 7.35
C ALA A 30 -2.74 1.76 6.65
N ALA A 31 -2.85 0.58 7.30
CA ALA A 31 -2.25 -0.66 6.88
C ALA A 31 -2.52 -1.11 5.46
N ARG A 32 -3.73 -0.88 5.06
CA ARG A 32 -4.29 -1.21 3.73
C ARG A 32 -4.58 0.01 2.84
N ASP A 33 -4.42 1.25 3.38
CA ASP A 33 -4.59 2.48 2.66
C ASP A 33 -3.31 2.89 1.96
N LEU A 34 -2.20 2.19 2.33
CA LEU A 34 -0.89 2.66 1.99
C LEU A 34 -0.64 2.82 0.48
N ILE A 35 -1.23 1.92 -0.37
CA ILE A 35 -1.28 1.90 -1.82
C ILE A 35 -1.87 3.15 -2.42
N CYS A 36 -2.93 3.78 -1.84
CA CYS A 36 -3.51 4.98 -2.39
C CYS A 36 -2.89 6.24 -1.77
N ALA A 37 -2.39 6.09 -0.56
CA ALA A 37 -1.73 7.15 0.15
C ALA A 37 -0.43 7.57 -0.60
N GLN A 38 0.35 6.53 -0.91
CA GLN A 38 1.63 6.58 -1.52
C GLN A 38 1.54 6.43 -3.04
N LYS A 39 0.36 6.20 -3.58
CA LYS A 39 -0.04 6.16 -4.96
C LYS A 39 0.64 5.17 -5.83
N PHE A 40 1.07 3.99 -5.27
CA PHE A 40 1.92 2.99 -5.82
C PHE A 40 3.30 3.44 -6.41
N ASN A 41 3.96 4.45 -5.75
CA ASN A 41 5.23 5.11 -6.23
C ASN A 41 5.07 5.94 -7.54
N GLY A 42 4.41 7.07 -7.45
CA GLY A 42 4.02 7.82 -8.64
C GLY A 42 5.13 8.82 -9.15
N SER A 1 13.09 5.61 -5.39
CA SER A 1 12.56 6.53 -4.42
C SER A 1 12.64 6.10 -2.95
N PHE A 2 12.84 6.94 -1.92
CA PHE A 2 13.00 6.67 -0.48
C PHE A 2 11.82 5.85 0.17
N ILE A 3 10.62 6.27 -0.20
CA ILE A 3 9.34 5.72 0.28
C ILE A 3 9.15 4.23 -0.02
N GLU A 4 9.85 3.70 -1.02
CA GLU A 4 9.69 2.40 -1.64
C GLU A 4 9.95 1.22 -0.66
N ASP A 5 10.95 1.28 0.25
CA ASP A 5 11.10 0.45 1.44
C ASP A 5 9.90 0.45 2.33
N LEU A 6 9.19 1.55 2.57
CA LEU A 6 8.05 1.61 3.46
C LEU A 6 6.79 0.96 2.84
N LEU A 7 6.66 1.06 1.51
CA LEU A 7 5.66 0.36 0.62
C LEU A 7 5.89 -1.18 0.72
N PHE A 8 7.18 -1.68 0.64
CA PHE A 8 7.60 -3.05 0.79
C PHE A 8 7.35 -3.63 2.20
N ASN A 9 7.63 -2.88 3.25
CA ASN A 9 7.25 -3.35 4.62
C ASN A 9 5.75 -3.67 4.72
N LYS A 10 4.89 -2.86 4.10
CA LYS A 10 3.49 -3.20 4.15
C LYS A 10 3.09 -4.43 3.32
N VAL A 11 3.74 -4.62 2.12
CA VAL A 11 3.28 -5.63 1.21
C VAL A 11 4.08 -6.90 1.30
N THR A 12 4.95 -7.03 2.26
CA THR A 12 5.91 -8.13 2.42
C THR A 12 5.39 -9.51 2.56
N LEU A 13 4.32 -9.77 3.37
CA LEU A 13 3.55 -10.97 3.33
C LEU A 13 2.08 -10.78 2.84
N ALA A 14 1.68 -9.52 2.50
CA ALA A 14 0.32 -9.20 2.03
C ALA A 14 0.11 -9.20 0.48
N ASP A 15 1.28 -9.09 -0.16
CA ASP A 15 1.43 -8.97 -1.58
C ASP A 15 0.78 -7.81 -2.29
N ALA A 16 1.49 -7.20 -3.23
CA ALA A 16 1.04 -5.98 -3.98
C ALA A 16 -0.05 -6.28 -5.06
N GLY A 17 0.02 -7.50 -5.56
CA GLY A 17 -0.87 -7.96 -6.61
C GLY A 17 -2.30 -8.20 -6.17
N PHE A 18 -2.55 -8.50 -4.89
CA PHE A 18 -3.87 -8.66 -4.28
C PHE A 18 -4.41 -7.28 -3.99
N ILE A 19 -3.53 -6.42 -3.43
CA ILE A 19 -3.83 -5.06 -3.03
C ILE A 19 -4.27 -4.23 -4.16
N LYS A 20 -3.76 -4.56 -5.38
CA LYS A 20 -4.05 -3.90 -6.62
C LYS A 20 -5.53 -3.96 -7.12
N GLN A 21 -6.11 -5.13 -6.90
CA GLN A 21 -7.53 -5.43 -7.06
C GLN A 21 -8.42 -4.97 -5.95
N TYR A 22 -7.85 -4.93 -4.75
CA TYR A 22 -8.54 -4.39 -3.51
C TYR A 22 -8.13 -2.92 -3.26
N GLY A 23 -8.41 -2.05 -4.24
CA GLY A 23 -7.93 -0.72 -4.32
C GLY A 23 -8.65 0.39 -3.61
N ASP A 24 -9.74 0.09 -2.95
CA ASP A 24 -10.73 0.97 -2.43
C ASP A 24 -10.19 2.07 -1.48
N CYS A 25 -9.23 1.79 -0.54
CA CYS A 25 -8.56 2.86 0.22
C CYS A 25 -9.46 3.71 1.18
N LEU A 26 -10.07 3.01 2.13
CA LEU A 26 -11.18 3.51 2.99
C LEU A 26 -10.74 4.38 4.24
N GLY A 27 -9.52 4.23 4.79
CA GLY A 27 -9.05 5.03 5.96
C GLY A 27 -9.22 4.45 7.42
N ASP A 28 -9.70 3.23 7.65
CA ASP A 28 -9.89 2.69 9.02
C ASP A 28 -8.64 1.88 9.49
N VAL A 29 -7.89 1.31 8.51
CA VAL A 29 -6.62 0.67 8.62
C VAL A 29 -5.70 1.65 8.03
N ALA A 30 -4.66 1.93 8.84
CA ALA A 30 -3.59 2.83 8.59
C ALA A 30 -2.54 2.37 7.59
N ALA A 31 -2.25 1.08 7.55
CA ALA A 31 -1.36 0.35 6.62
C ALA A 31 -1.86 0.62 5.15
N ARG A 32 -3.17 0.73 4.90
CA ARG A 32 -3.82 0.88 3.58
C ARG A 32 -3.96 2.33 3.15
N ASP A 33 -3.23 3.27 3.83
CA ASP A 33 -3.06 4.60 3.40
C ASP A 33 -2.05 4.76 2.24
N LEU A 34 -1.10 3.84 2.03
CA LEU A 34 -0.08 4.08 1.01
C LEU A 34 -0.54 3.94 -0.41
N ILE A 35 -1.68 3.19 -0.66
CA ILE A 35 -2.37 3.04 -1.93
C ILE A 35 -2.74 4.41 -2.55
N CYS A 36 -3.41 5.20 -1.74
CA CYS A 36 -3.74 6.55 -2.07
C CYS A 36 -2.49 7.44 -2.10
N ALA A 37 -1.89 7.61 -0.91
CA ALA A 37 -0.84 8.58 -0.66
C ALA A 37 0.34 8.57 -1.55
N GLN A 38 0.83 7.36 -1.85
CA GLN A 38 1.93 7.06 -2.73
C GLN A 38 1.54 6.33 -4.02
N LYS A 39 0.18 6.31 -4.37
CA LYS A 39 -0.38 5.95 -5.66
C LYS A 39 -0.07 4.52 -6.18
N PHE A 40 0.03 3.49 -5.30
CA PHE A 40 0.19 2.11 -5.61
C PHE A 40 1.54 1.78 -6.39
N ASN A 41 2.67 2.42 -5.99
CA ASN A 41 3.96 2.40 -6.56
C ASN A 41 4.69 1.04 -6.52
N GLY A 42 4.54 0.33 -5.37
CA GLY A 42 5.27 -0.87 -5.05
C GLY A 42 4.32 -2.07 -5.05
N SER A 1 12.46 8.88 -3.73
CA SER A 1 11.39 8.03 -3.09
C SER A 1 11.86 7.20 -1.93
N PHE A 2 11.93 7.90 -0.84
CA PHE A 2 12.25 7.38 0.52
C PHE A 2 11.13 6.42 0.97
N ILE A 3 9.89 6.85 0.64
CA ILE A 3 8.71 6.11 1.06
C ILE A 3 8.69 4.69 0.51
N GLU A 4 9.28 4.41 -0.65
CA GLU A 4 9.15 3.28 -1.50
C GLU A 4 9.62 1.89 -0.89
N ASP A 5 10.57 1.96 0.00
CA ASP A 5 11.09 0.81 0.71
C ASP A 5 10.00 0.30 1.57
N LEU A 6 9.11 1.09 2.25
CA LEU A 6 8.01 0.74 3.11
C LEU A 6 6.93 0.00 2.43
N LEU A 7 6.56 0.48 1.20
CA LEU A 7 5.63 -0.27 0.25
C LEU A 7 6.20 -1.64 -0.24
N PHE A 8 7.51 -1.80 -0.66
CA PHE A 8 8.06 -3.10 -1.14
C PHE A 8 8.24 -4.08 0.00
N ASN A 9 8.71 -3.50 1.12
CA ASN A 9 8.95 -4.15 2.35
C ASN A 9 7.74 -4.73 3.02
N LYS A 10 6.62 -4.02 2.95
CA LYS A 10 5.36 -4.37 3.68
C LYS A 10 4.68 -5.71 3.28
N VAL A 11 4.74 -5.92 1.99
CA VAL A 11 3.93 -6.87 1.33
C VAL A 11 4.75 -8.19 1.10
N THR A 12 5.98 -8.32 1.65
CA THR A 12 6.83 -9.51 1.56
C THR A 12 6.15 -10.82 1.99
N LEU A 13 5.37 -10.90 3.09
CA LEU A 13 4.63 -12.11 3.55
C LEU A 13 3.15 -11.99 3.18
N ALA A 14 2.77 -10.96 2.40
CA ALA A 14 1.36 -10.57 2.23
C ALA A 14 0.85 -10.34 0.80
N ASP A 15 1.77 -10.04 -0.11
CA ASP A 15 1.69 -9.93 -1.51
C ASP A 15 0.90 -8.61 -1.87
N ALA A 16 1.41 -7.90 -2.84
CA ALA A 16 1.04 -6.55 -3.22
C ALA A 16 -0.35 -6.45 -3.90
N GLY A 17 -0.76 -7.52 -4.66
CA GLY A 17 -1.97 -7.57 -5.46
C GLY A 17 -3.31 -7.41 -4.80
N PHE A 18 -3.35 -7.76 -3.51
CA PHE A 18 -4.38 -7.45 -2.50
C PHE A 18 -4.74 -6.02 -2.21
N ILE A 19 -3.72 -5.12 -2.26
CA ILE A 19 -3.76 -3.65 -2.20
C ILE A 19 -4.49 -3.10 -3.38
N LYS A 20 -4.06 -3.59 -4.58
CA LYS A 20 -4.69 -3.35 -5.87
C LYS A 20 -6.10 -3.94 -6.03
N GLN A 21 -6.39 -5.18 -5.56
CA GLN A 21 -7.72 -5.75 -5.75
C GLN A 21 -8.85 -5.12 -4.96
N TYR A 22 -8.51 -4.68 -3.71
CA TYR A 22 -9.44 -3.95 -2.77
C TYR A 22 -9.20 -2.45 -2.97
N GLY A 23 -9.38 -1.97 -4.22
CA GLY A 23 -8.76 -0.79 -4.71
C GLY A 23 -9.42 0.49 -4.34
N ASP A 24 -10.55 0.38 -3.65
CA ASP A 24 -11.41 1.41 -3.18
C ASP A 24 -10.70 2.26 -2.11
N CYS A 25 -9.89 1.66 -1.15
CA CYS A 25 -9.20 2.33 -0.10
C CYS A 25 -10.04 3.35 0.77
N LEU A 26 -11.19 2.88 1.29
CA LEU A 26 -12.20 3.80 1.94
C LEU A 26 -11.66 4.67 3.11
N GLY A 27 -10.42 4.48 3.63
CA GLY A 27 -9.75 5.38 4.63
C GLY A 27 -10.24 5.23 6.01
N ASP A 28 -10.66 4.03 6.49
CA ASP A 28 -10.76 3.87 7.96
C ASP A 28 -9.42 3.43 8.67
N VAL A 29 -8.78 2.42 8.04
CA VAL A 29 -7.55 1.85 8.58
C VAL A 29 -6.28 2.77 8.30
N ALA A 30 -5.43 3.07 9.32
CA ALA A 30 -4.19 3.85 9.18
C ALA A 30 -3.01 2.98 8.61
N ALA A 31 -3.14 1.59 8.63
CA ALA A 31 -2.16 0.66 8.07
C ALA A 31 -1.88 0.79 6.56
N ARG A 32 -2.95 1.07 5.80
CA ARG A 32 -2.93 1.03 4.35
C ARG A 32 -2.84 2.44 3.78
N ASP A 33 -2.89 3.53 4.65
CA ASP A 33 -3.00 4.92 4.15
C ASP A 33 -1.82 5.34 3.27
N LEU A 34 -0.60 4.98 3.66
CA LEU A 34 0.64 5.36 2.92
C LEU A 34 0.79 4.89 1.44
N ILE A 35 0.37 3.71 1.13
CA ILE A 35 0.19 3.13 -0.21
C ILE A 35 -0.89 3.83 -1.01
N CYS A 36 -2.05 4.17 -0.36
CA CYS A 36 -3.14 4.89 -1.09
C CYS A 36 -2.79 6.35 -1.51
N ALA A 37 -1.93 6.97 -0.66
CA ALA A 37 -1.46 8.32 -0.90
C ALA A 37 -0.51 8.43 -2.05
N GLN A 38 0.36 7.38 -2.13
CA GLN A 38 1.35 7.25 -3.21
C GLN A 38 0.67 6.44 -4.40
N LYS A 39 -0.63 6.04 -4.31
CA LYS A 39 -1.55 5.51 -5.33
C LYS A 39 -0.98 4.27 -6.03
N PHE A 40 -0.48 3.35 -5.13
CA PHE A 40 -0.01 2.05 -5.48
C PHE A 40 1.34 1.96 -6.21
N ASN A 41 2.00 3.10 -6.14
CA ASN A 41 3.21 3.26 -6.92
C ASN A 41 4.50 2.96 -6.08
N GLY A 42 4.87 1.68 -6.07
CA GLY A 42 5.85 0.94 -5.24
C GLY A 42 5.17 -0.43 -4.91
N SER A 1 14.33 6.73 -5.44
CA SER A 1 12.99 6.04 -5.06
C SER A 1 12.96 5.51 -3.64
N PHE A 2 13.29 6.32 -2.64
CA PHE A 2 13.42 5.97 -1.23
C PHE A 2 12.21 5.28 -0.71
N ILE A 3 10.99 5.80 -1.07
CA ILE A 3 9.65 5.24 -0.82
C ILE A 3 9.38 3.80 -1.17
N GLU A 4 10.07 3.17 -2.13
CA GLU A 4 9.94 1.79 -2.52
C GLU A 4 10.12 0.84 -1.31
N ASP A 5 11.09 1.00 -0.44
CA ASP A 5 11.40 0.08 0.64
C ASP A 5 10.23 -0.03 1.63
N LEU A 6 9.78 1.16 2.04
CA LEU A 6 8.66 1.39 2.98
C LEU A 6 7.40 0.81 2.40
N LEU A 7 7.20 0.95 1.09
CA LEU A 7 6.06 0.36 0.45
C LEU A 7 6.12 -1.18 0.51
N PHE A 8 7.38 -1.66 0.25
CA PHE A 8 7.76 -3.07 0.23
C PHE A 8 7.64 -3.80 1.57
N ASN A 9 8.08 -3.14 2.66
CA ASN A 9 7.95 -3.55 4.01
C ASN A 9 6.49 -3.75 4.43
N LYS A 10 5.52 -2.83 4.17
CA LYS A 10 4.13 -3.15 4.55
C LYS A 10 3.54 -4.30 3.64
N VAL A 11 3.95 -4.46 2.37
CA VAL A 11 3.37 -5.49 1.50
C VAL A 11 4.10 -6.80 1.64
N THR A 12 4.97 -7.01 2.67
CA THR A 12 5.89 -8.13 2.69
C THR A 12 5.27 -9.52 2.78
N LEU A 13 4.10 -9.65 3.53
CA LEU A 13 3.20 -10.85 3.37
C LEU A 13 1.82 -10.53 2.78
N ALA A 14 1.46 -9.22 2.76
CA ALA A 14 0.24 -8.71 2.25
C ALA A 14 -0.10 -8.93 0.78
N ASP A 15 0.94 -8.93 -0.02
CA ASP A 15 1.08 -9.00 -1.45
C ASP A 15 0.48 -7.84 -2.25
N ALA A 16 1.39 -7.01 -2.84
CA ALA A 16 0.99 -5.80 -3.51
C ALA A 16 0.13 -6.04 -4.74
N GLY A 17 0.29 -7.22 -5.47
CA GLY A 17 -0.64 -7.57 -6.54
C GLY A 17 -2.04 -7.83 -6.08
N PHE A 18 -2.36 -8.09 -4.83
CA PHE A 18 -3.71 -8.15 -4.37
C PHE A 18 -4.20 -6.78 -3.95
N ILE A 19 -3.53 -5.92 -3.15
CA ILE A 19 -4.07 -4.63 -2.69
C ILE A 19 -4.16 -3.64 -3.82
N LYS A 20 -3.48 -3.87 -5.01
CA LYS A 20 -3.70 -3.16 -6.30
C LYS A 20 -5.09 -3.35 -6.82
N GLN A 21 -5.56 -4.60 -6.77
CA GLN A 21 -6.95 -4.94 -7.07
C GLN A 21 -8.03 -4.59 -6.02
N TYR A 22 -7.70 -4.81 -4.73
CA TYR A 22 -8.56 -4.52 -3.62
C TYR A 22 -8.19 -3.09 -3.12
N GLY A 23 -8.27 -2.10 -4.09
CA GLY A 23 -7.65 -0.73 -3.94
C GLY A 23 -8.63 0.35 -3.62
N ASP A 24 -9.79 -0.09 -3.11
CA ASP A 24 -10.93 0.79 -2.75
C ASP A 24 -10.53 1.98 -1.97
N CYS A 25 -9.61 1.89 -0.93
CA CYS A 25 -9.17 2.96 -0.10
C CYS A 25 -10.31 3.49 0.76
N LEU A 26 -10.71 2.64 1.66
CA LEU A 26 -11.75 2.95 2.64
C LEU A 26 -11.22 3.95 3.70
N GLY A 27 -9.97 3.99 4.04
CA GLY A 27 -9.20 4.84 4.93
C GLY A 27 -9.23 4.73 6.42
N ASP A 28 -10.11 3.85 6.96
CA ASP A 28 -9.97 3.32 8.30
C ASP A 28 -8.74 2.48 8.45
N VAL A 29 -8.38 1.63 7.47
CA VAL A 29 -7.11 0.90 7.47
C VAL A 29 -5.97 1.77 7.02
N ALA A 30 -5.57 2.69 7.85
CA ALA A 30 -4.44 3.58 7.68
C ALA A 30 -3.20 2.79 7.37
N ALA A 31 -2.97 1.64 8.02
CA ALA A 31 -1.86 0.71 7.78
C ALA A 31 -1.63 0.30 6.31
N ARG A 32 -2.76 0.09 5.57
CA ARG A 32 -2.58 -0.42 4.20
C ARG A 32 -2.82 0.72 3.14
N ASP A 33 -3.01 1.90 3.61
CA ASP A 33 -3.33 3.11 2.89
C ASP A 33 -2.23 3.73 1.94
N LEU A 34 -1.00 3.30 2.03
CA LEU A 34 0.18 3.56 1.23
C LEU A 34 -0.14 3.53 -0.31
N ILE A 35 -1.08 2.64 -0.78
CA ILE A 35 -1.55 2.63 -2.15
C ILE A 35 -2.26 3.87 -2.66
N CYS A 36 -2.78 4.79 -1.70
CA CYS A 36 -3.53 5.94 -1.98
C CYS A 36 -2.90 7.22 -1.41
N ALA A 37 -2.58 7.18 -0.11
CA ALA A 37 -1.90 8.32 0.58
C ALA A 37 -0.53 8.77 -0.10
N GLN A 38 0.22 7.75 -0.59
CA GLN A 38 1.41 7.93 -1.36
C GLN A 38 1.19 7.56 -2.77
N LYS A 39 -0.04 7.21 -3.20
CA LYS A 39 -0.46 6.88 -4.52
C LYS A 39 0.31 5.71 -5.16
N PHE A 40 0.88 4.87 -4.31
CA PHE A 40 1.74 3.76 -4.55
C PHE A 40 3.03 4.27 -5.31
N ASN A 41 3.34 5.56 -5.28
CA ASN A 41 4.47 6.17 -5.86
C ASN A 41 4.21 6.30 -7.37
N GLY A 42 2.97 6.61 -7.75
CA GLY A 42 2.58 6.72 -9.09
C GLY A 42 1.68 7.92 -9.29
N SER A 1 11.65 9.19 -3.32
CA SER A 1 10.73 8.52 -2.43
C SER A 1 11.37 7.55 -1.38
N PHE A 2 11.31 7.99 -0.10
CA PHE A 2 11.64 7.13 1.09
C PHE A 2 10.62 6.07 1.41
N ILE A 3 9.27 6.35 1.36
CA ILE A 3 8.14 5.55 1.76
C ILE A 3 8.16 4.19 1.11
N GLU A 4 8.45 4.14 -0.20
CA GLU A 4 8.67 2.93 -1.00
C GLU A 4 9.39 1.75 -0.28
N ASP A 5 10.57 1.98 0.34
CA ASP A 5 11.29 0.92 1.04
C ASP A 5 10.47 0.40 2.22
N LEU A 6 9.77 1.19 3.01
CA LEU A 6 8.80 0.83 3.99
C LEU A 6 7.61 0.16 3.37
N LEU A 7 7.09 0.60 2.22
CA LEU A 7 5.95 -0.08 1.48
C LEU A 7 6.24 -1.52 1.11
N PHE A 8 7.44 -1.69 0.60
CA PHE A 8 7.86 -3.04 0.32
C PHE A 8 8.17 -4.00 1.46
N ASN A 9 8.35 -3.46 2.68
CA ASN A 9 8.36 -4.33 3.84
C ASN A 9 6.98 -4.70 4.38
N LYS A 10 6.00 -3.84 4.13
CA LYS A 10 4.58 -4.06 4.47
C LYS A 10 3.99 -5.21 3.69
N VAL A 11 4.47 -5.34 2.46
CA VAL A 11 3.95 -6.27 1.44
C VAL A 11 4.88 -7.40 1.10
N THR A 12 5.81 -7.65 2.03
CA THR A 12 6.86 -8.66 1.85
C THR A 12 6.25 -10.04 1.79
N LEU A 13 5.31 -10.43 2.69
CA LEU A 13 4.74 -11.78 2.68
C LEU A 13 3.40 -11.58 2.00
N ALA A 14 2.69 -10.43 2.23
CA ALA A 14 1.34 -10.17 1.67
C ALA A 14 1.16 -10.04 0.18
N ASP A 15 2.08 -9.37 -0.50
CA ASP A 15 1.91 -8.84 -1.83
C ASP A 15 0.88 -7.71 -2.00
N ALA A 16 1.28 -6.63 -2.69
CA ALA A 16 0.59 -5.37 -2.80
C ALA A 16 -0.62 -5.37 -3.80
N GLY A 17 -0.61 -6.37 -4.78
CA GLY A 17 -1.62 -6.65 -5.79
C GLY A 17 -2.92 -7.21 -5.26
N PHE A 18 -2.85 -7.85 -4.10
CA PHE A 18 -4.02 -8.24 -3.30
C PHE A 18 -4.66 -7.10 -2.55
N ILE A 19 -3.77 -6.21 -2.00
CA ILE A 19 -4.20 -4.96 -1.45
C ILE A 19 -4.92 -4.05 -2.44
N LYS A 20 -4.41 -3.87 -3.68
CA LYS A 20 -5.09 -3.10 -4.79
C LYS A 20 -6.57 -3.41 -5.07
N GLN A 21 -6.83 -4.76 -5.11
CA GLN A 21 -8.13 -5.42 -5.30
C GLN A 21 -9.02 -5.29 -4.15
N TYR A 22 -8.48 -5.47 -2.93
CA TYR A 22 -9.19 -5.40 -1.73
C TYR A 22 -9.65 -3.92 -1.42
N GLY A 23 -8.75 -2.96 -1.67
CA GLY A 23 -9.07 -1.64 -2.03
C GLY A 23 -9.17 -0.57 -0.96
N ASP A 24 -8.48 -0.66 0.18
CA ASP A 24 -8.42 0.31 1.23
C ASP A 24 -8.06 1.75 0.74
N CYS A 25 -9.08 2.69 0.85
CA CYS A 25 -8.81 4.04 0.32
C CYS A 25 -9.65 4.95 1.18
N LEU A 26 -10.29 4.44 2.29
CA LEU A 26 -11.52 4.83 2.99
C LEU A 26 -11.26 5.79 4.15
N GLY A 27 -9.97 6.16 4.49
CA GLY A 27 -9.73 7.05 5.58
C GLY A 27 -9.55 6.32 6.89
N ASP A 28 -9.08 5.05 6.81
CA ASP A 28 -8.89 4.18 7.92
C ASP A 28 -7.79 3.25 7.53
N VAL A 29 -7.19 2.45 8.45
CA VAL A 29 -6.14 1.50 8.17
C VAL A 29 -4.86 1.97 7.41
N ALA A 30 -4.12 2.93 8.01
CA ALA A 30 -3.19 3.82 7.30
C ALA A 30 -1.85 3.26 6.87
N ALA A 31 -1.42 2.00 7.31
CA ALA A 31 -0.24 1.36 6.71
C ALA A 31 -0.62 0.36 5.52
N ARG A 32 -1.93 0.19 5.14
CA ARG A 32 -2.38 -0.69 4.14
C ARG A 32 -3.04 0.00 2.96
N ASP A 33 -3.28 1.34 3.05
CA ASP A 33 -3.99 2.12 2.03
C ASP A 33 -3.09 2.68 0.96
N LEU A 34 -1.90 2.12 0.84
CA LEU A 34 -0.78 2.58 0.02
C LEU A 34 -1.05 2.65 -1.49
N ILE A 35 -1.96 1.82 -1.95
CA ILE A 35 -2.44 1.88 -3.29
C ILE A 35 -3.27 3.09 -3.64
N CYS A 36 -3.96 3.71 -2.66
CA CYS A 36 -4.45 5.08 -2.73
C CYS A 36 -3.52 6.20 -2.27
N ALA A 37 -3.00 6.11 -1.08
CA ALA A 37 -2.32 7.18 -0.28
C ALA A 37 -1.07 7.73 -0.85
N GLN A 38 -0.28 6.93 -1.59
CA GLN A 38 0.97 7.41 -2.10
C GLN A 38 0.82 7.19 -3.65
N LYS A 39 -0.37 6.97 -4.17
CA LYS A 39 -0.69 6.60 -5.56
C LYS A 39 -0.04 5.32 -6.09
N PHE A 40 0.06 4.26 -5.19
CA PHE A 40 0.84 3.07 -5.44
C PHE A 40 2.30 3.31 -5.75
N ASN A 41 2.88 4.41 -5.23
CA ASN A 41 4.22 4.89 -5.36
C ASN A 41 4.92 4.66 -6.67
N GLY A 42 4.46 5.28 -7.76
CA GLY A 42 5.06 5.36 -9.08
C GLY A 42 4.03 5.35 -10.17
N SER A 1 11.00 7.56 -4.38
CA SER A 1 12.05 6.47 -4.13
C SER A 1 12.14 5.97 -2.71
N PHE A 2 12.38 6.91 -1.75
CA PHE A 2 12.56 6.68 -0.33
C PHE A 2 11.35 5.92 0.30
N ILE A 3 10.10 6.25 -0.11
CA ILE A 3 8.87 5.80 0.54
C ILE A 3 8.59 4.34 0.11
N GLU A 4 9.26 3.88 -1.00
CA GLU A 4 9.13 2.59 -1.61
C GLU A 4 9.55 1.43 -0.66
N ASP A 5 10.65 1.58 0.11
CA ASP A 5 11.00 0.63 1.09
C ASP A 5 9.94 0.38 2.18
N LEU A 6 9.30 1.47 2.71
CA LEU A 6 8.19 1.32 3.58
C LEU A 6 6.90 0.64 3.02
N LEU A 7 6.54 0.97 1.78
CA LEU A 7 5.55 0.32 0.90
C LEU A 7 5.80 -1.19 0.82
N PHE A 8 7.00 -1.52 0.45
CA PHE A 8 7.56 -2.91 0.44
C PHE A 8 7.60 -3.76 1.75
N ASN A 9 8.05 -3.20 2.92
CA ASN A 9 8.01 -3.78 4.21
C ASN A 9 6.58 -4.12 4.67
N LYS A 10 5.57 -3.26 4.46
CA LYS A 10 4.24 -3.59 4.90
C LYS A 10 3.61 -4.65 4.03
N VAL A 11 3.81 -4.60 2.68
CA VAL A 11 3.10 -5.50 1.90
C VAL A 11 3.84 -6.74 1.59
N THR A 12 4.90 -7.11 2.37
CA THR A 12 5.86 -8.19 2.11
C THR A 12 5.31 -9.65 1.96
N LEU A 13 4.24 -9.98 2.67
CA LEU A 13 3.51 -11.27 2.70
C LEU A 13 1.97 -11.10 2.37
N ALA A 14 1.66 -9.97 1.88
CA ALA A 14 0.30 -9.48 1.54
C ALA A 14 0.18 -9.11 0.07
N ASP A 15 1.22 -8.60 -0.51
CA ASP A 15 1.38 -8.33 -1.96
C ASP A 15 0.50 -7.10 -2.41
N ALA A 16 1.19 -6.07 -2.96
CA ALA A 16 0.55 -4.80 -3.41
C ALA A 16 -0.48 -5.01 -4.47
N GLY A 17 -0.13 -5.99 -5.35
CA GLY A 17 -0.96 -6.39 -6.46
C GLY A 17 -2.35 -6.98 -5.95
N PHE A 18 -2.41 -7.57 -4.75
CA PHE A 18 -3.60 -8.18 -4.19
C PHE A 18 -4.39 -7.10 -3.48
N ILE A 19 -3.72 -6.25 -2.65
CA ILE A 19 -4.39 -5.23 -1.79
C ILE A 19 -5.14 -4.26 -2.70
N LYS A 20 -4.59 -3.83 -3.84
CA LYS A 20 -5.12 -3.01 -4.91
C LYS A 20 -6.51 -3.47 -5.38
N GLN A 21 -6.67 -4.73 -5.67
CA GLN A 21 -7.86 -5.43 -6.09
C GLN A 21 -8.84 -5.53 -4.92
N TYR A 22 -8.34 -5.91 -3.73
CA TYR A 22 -9.15 -6.16 -2.54
C TYR A 22 -9.91 -4.93 -2.08
N GLY A 23 -9.27 -3.73 -2.17
CA GLY A 23 -9.95 -2.43 -2.24
C GLY A 23 -10.47 -1.94 -0.94
N ASP A 24 -9.69 -2.23 0.06
CA ASP A 24 -9.82 -1.94 1.45
C ASP A 24 -9.15 -0.60 1.85
N CYS A 25 -8.90 0.35 0.91
CA CYS A 25 -8.60 1.77 1.08
C CYS A 25 -9.86 2.48 1.60
N LEU A 26 -10.21 2.21 2.90
CA LEU A 26 -11.37 2.81 3.62
C LEU A 26 -10.97 4.06 4.33
N GLY A 27 -9.60 4.41 4.38
CA GLY A 27 -9.10 5.48 5.24
C GLY A 27 -8.71 5.12 6.66
N ASP A 28 -9.51 4.40 7.40
CA ASP A 28 -9.36 4.07 8.80
C ASP A 28 -8.24 3.04 8.96
N VAL A 29 -8.09 2.09 8.02
CA VAL A 29 -7.01 1.16 7.94
C VAL A 29 -5.73 1.73 7.42
N ALA A 30 -5.14 2.84 8.01
CA ALA A 30 -4.10 3.69 7.54
C ALA A 30 -2.82 3.11 7.00
N ALA A 31 -2.33 2.08 7.70
CA ALA A 31 -1.11 1.45 7.19
C ALA A 31 -1.19 0.68 5.84
N ARG A 32 -2.42 0.20 5.51
CA ARG A 32 -2.78 -0.54 4.32
C ARG A 32 -3.43 0.45 3.32
N ASP A 33 -3.65 1.71 3.62
CA ASP A 33 -4.23 2.72 2.73
C ASP A 33 -2.97 3.31 1.97
N LEU A 34 -1.74 2.77 2.13
CA LEU A 34 -0.47 3.11 1.43
C LEU A 34 -0.45 3.01 -0.08
N ILE A 35 -1.23 2.04 -0.64
CA ILE A 35 -1.44 1.72 -2.02
C ILE A 35 -2.09 2.85 -2.77
N CYS A 36 -3.14 3.47 -2.23
CA CYS A 36 -3.73 4.74 -2.63
C CYS A 36 -2.92 5.93 -2.25
N ALA A 37 -2.37 5.90 -1.03
CA ALA A 37 -1.78 7.15 -0.46
C ALA A 37 -0.60 7.83 -1.25
N GLN A 38 0.37 7.01 -1.65
CA GLN A 38 1.62 7.40 -2.25
C GLN A 38 1.67 7.22 -3.75
N LYS A 39 0.54 7.09 -4.43
CA LYS A 39 0.34 6.78 -5.87
C LYS A 39 1.17 5.68 -6.50
N PHE A 40 1.41 4.56 -5.71
CA PHE A 40 2.13 3.33 -6.01
C PHE A 40 3.67 3.59 -6.16
N ASN A 41 4.20 4.57 -5.29
CA ASN A 41 5.47 5.21 -5.52
C ASN A 41 5.58 5.85 -6.86
N GLY A 42 4.60 6.73 -7.26
CA GLY A 42 4.56 7.24 -8.69
C GLY A 42 5.75 8.08 -9.14
#